data_6Z3H
#
_entry.id   6Z3H
#
_cell.length_a   98.860
_cell.length_b   98.860
_cell.length_c   99.810
_cell.angle_alpha   90.00
_cell.angle_beta   90.00
_cell.angle_gamma   120.00
#
_symmetry.space_group_name_H-M   'P 62 2 2'
#
loop_
_entity.id
_entity.type
_entity.pdbx_description
1 polymer 'Growth/differentiation factor 5'
2 polymer 'RGM domain family member B'
#
loop_
_entity_poly.entity_id
_entity_poly.type
_entity_poly.pdbx_seq_one_letter_code
_entity_poly.pdbx_strand_id
1 'polypeptide(L)'
;MKRQGKRPSKNLKARCSRKALHVNFKDMGWDDWIIAPLEYEAFHCEGLCEFPLRSHLEPTNHAVIQTLMNSMDPESTPPT
CCVPTRLSPISILFIDSANNVVYKQYEDMVVESCGCR
;
A
2 'polypeptide(L)'
;ETGQCRIQKCTTDFVSLTSHLNSAVDGFDSEFCKALRAYAGCTQRTSKACRGNLVYHSAVLGISDLMSQRNCSKDGPTSS
TNPEVTHGTKHHHHHH
;
B
#
# COMPACT_ATOMS: atom_id res chain seq x y z
N LYS A 13 23.41 7.32 -3.74
CA LYS A 13 22.39 8.36 -3.75
C LYS A 13 21.91 8.65 -5.17
N ALA A 14 21.02 7.80 -5.68
CA ALA A 14 20.50 7.96 -7.03
C ALA A 14 19.28 8.88 -7.01
N ARG A 15 18.65 9.03 -8.17
CA ARG A 15 17.48 9.88 -8.32
C ARG A 15 16.21 9.03 -8.31
N CYS A 16 15.07 9.73 -8.19
CA CYS A 16 13.76 9.08 -8.17
C CYS A 16 13.57 8.19 -9.39
N SER A 17 13.51 6.89 -9.18
CA SER A 17 13.41 5.92 -10.27
C SER A 17 12.56 4.74 -9.81
N ARG A 18 12.16 3.92 -10.79
CA ARG A 18 11.32 2.76 -10.55
C ARG A 18 12.20 1.52 -10.40
N LYS A 19 12.07 0.85 -9.27
CA LYS A 19 12.79 -0.39 -9.00
C LYS A 19 11.80 -1.55 -8.93
N ALA A 20 12.33 -2.76 -9.00
CA ALA A 20 11.51 -3.95 -9.02
C ALA A 20 11.00 -4.29 -7.63
N LEU A 21 9.76 -4.76 -7.57
CA LEU A 21 9.15 -5.20 -6.31
C LEU A 21 8.14 -6.28 -6.63
N HIS A 22 8.48 -7.53 -6.31
CA HIS A 22 7.62 -8.68 -6.58
C HIS A 22 6.74 -8.96 -5.37
N VAL A 23 5.49 -9.36 -5.64
CA VAL A 23 4.53 -9.72 -4.60
C VAL A 23 4.07 -11.14 -4.86
N ASN A 24 3.96 -11.93 -3.78
CA ASN A 24 3.55 -13.33 -3.86
C ASN A 24 2.35 -13.52 -2.93
N PHE A 25 1.16 -13.59 -3.52
CA PHE A 25 -0.05 -13.76 -2.71
C PHE A 25 -0.01 -15.05 -1.91
N LYS A 26 0.60 -16.11 -2.45
CA LYS A 26 0.68 -17.37 -1.72
C LYS A 26 1.55 -17.23 -0.48
N ASP A 27 2.63 -16.46 -0.57
CA ASP A 27 3.49 -16.23 0.59
C ASP A 27 2.84 -15.35 1.64
N MET A 28 1.87 -14.53 1.24
CA MET A 28 1.15 -13.65 2.17
C MET A 28 -0.07 -14.31 2.79
N GLY A 29 -0.25 -15.62 2.56
CA GLY A 29 -1.41 -16.31 3.12
C GLY A 29 -2.72 -15.98 2.45
N TRP A 30 -2.69 -15.49 1.22
CA TRP A 30 -3.91 -15.14 0.49
C TRP A 30 -4.30 -16.18 -0.53
N ASP A 31 -3.58 -17.30 -0.62
CA ASP A 31 -3.89 -18.34 -1.59
C ASP A 31 -5.18 -19.08 -1.28
N ASP A 32 -5.75 -18.87 -0.08
CA ASP A 32 -6.99 -19.55 0.26
C ASP A 32 -8.21 -18.92 -0.39
N TRP A 33 -8.16 -17.61 -0.66
CA TRP A 33 -9.28 -16.93 -1.30
C TRP A 33 -8.95 -16.39 -2.68
N ILE A 34 -7.69 -16.31 -3.06
CA ILE A 34 -7.28 -15.86 -4.39
C ILE A 34 -6.91 -17.09 -5.21
N ILE A 35 -7.56 -17.25 -6.36
CA ILE A 35 -7.26 -18.38 -7.25
C ILE A 35 -6.03 -18.07 -8.11
N ALA A 36 -6.13 -17.04 -8.94
CA ALA A 36 -5.06 -16.66 -9.84
C ALA A 36 -5.13 -15.15 -10.07
N PRO A 37 -3.98 -14.46 -10.18
CA PRO A 37 -2.64 -15.04 -10.06
C PRO A 37 -2.17 -15.12 -8.61
N LEU A 38 -1.14 -15.94 -8.36
CA LEU A 38 -0.58 -16.06 -7.02
C LEU A 38 0.63 -15.17 -6.80
N GLU A 39 1.15 -14.55 -7.85
CA GLU A 39 2.29 -13.64 -7.73
C GLU A 39 2.30 -12.72 -8.93
N TYR A 40 2.89 -11.54 -8.75
CA TYR A 40 2.98 -10.56 -9.83
C TYR A 40 4.01 -9.50 -9.49
N GLU A 41 4.51 -8.82 -10.52
CA GLU A 41 5.48 -7.76 -10.37
C GLU A 41 4.74 -6.43 -10.21
N ALA A 42 4.94 -5.76 -9.07
CA ALA A 42 4.25 -4.52 -8.78
C ALA A 42 5.15 -3.29 -8.85
N PHE A 43 6.47 -3.46 -8.78
CA PHE A 43 7.43 -2.36 -8.80
C PHE A 43 7.25 -1.42 -7.61
N HIS A 44 8.17 -0.47 -7.47
CA HIS A 44 8.04 0.58 -6.47
C HIS A 44 8.92 1.74 -6.89
N CYS A 45 8.80 2.86 -6.17
CA CYS A 45 9.55 4.07 -6.47
C CYS A 45 10.54 4.36 -5.36
N GLU A 46 11.74 4.78 -5.74
CA GLU A 46 12.80 5.04 -4.78
C GLU A 46 13.86 5.93 -5.43
N GLY A 47 14.37 6.87 -4.67
CA GLY A 47 15.40 7.78 -5.13
C GLY A 47 15.17 9.18 -4.61
N LEU A 48 16.21 10.00 -4.69
CA LEU A 48 16.13 11.37 -4.21
C LEU A 48 15.46 12.27 -5.24
N CYS A 49 14.77 13.29 -4.74
CA CYS A 49 14.12 14.30 -5.56
C CYS A 49 14.90 15.60 -5.39
N GLU A 50 16.04 15.69 -6.06
CA GLU A 50 16.90 16.85 -5.96
C GLU A 50 16.57 17.88 -7.02
N PHE A 51 16.93 19.12 -6.75
CA PHE A 51 16.67 20.20 -7.69
C PHE A 51 17.70 20.16 -8.83
N PRO A 52 17.26 20.41 -10.08
CA PRO A 52 15.85 20.58 -10.43
C PRO A 52 15.19 19.25 -10.81
N LEU A 53 13.88 19.29 -11.04
CA LEU A 53 13.11 18.09 -11.35
C LEU A 53 13.05 17.90 -12.86
N ARG A 54 13.30 16.67 -13.31
CA ARG A 54 13.35 16.39 -14.74
C ARG A 54 11.95 16.44 -15.35
N SER A 55 11.91 16.42 -16.69
CA SER A 55 10.64 16.44 -17.40
C SER A 55 9.93 15.08 -17.31
N HIS A 56 10.69 13.99 -17.26
CA HIS A 56 10.08 12.67 -17.14
C HIS A 56 9.38 12.46 -15.80
N LEU A 57 9.78 13.20 -14.77
CA LEU A 57 9.10 13.11 -13.48
C LEU A 57 7.76 13.80 -13.50
N GLU A 58 7.51 14.67 -14.49
CA GLU A 58 6.31 15.50 -14.67
C GLU A 58 5.68 15.89 -13.32
N PRO A 59 6.38 16.70 -12.52
CA PRO A 59 5.87 17.01 -11.19
C PRO A 59 4.73 18.01 -11.24
N THR A 60 4.05 18.16 -10.11
CA THR A 60 3.03 19.17 -9.98
C THR A 60 3.67 20.52 -9.66
N ASN A 61 2.87 21.59 -9.82
CA ASN A 61 3.37 22.92 -9.52
C ASN A 61 3.76 23.03 -8.05
N HIS A 62 2.96 22.46 -7.15
CA HIS A 62 3.31 22.48 -5.74
C HIS A 62 4.59 21.70 -5.48
N ALA A 63 4.79 20.58 -6.18
CA ALA A 63 6.03 19.84 -6.03
C ALA A 63 7.22 20.67 -6.50
N VAL A 64 7.06 21.41 -7.60
CA VAL A 64 8.13 22.28 -8.09
C VAL A 64 8.47 23.34 -7.05
N ILE A 65 7.45 24.00 -6.50
CA ILE A 65 7.67 25.07 -5.53
C ILE A 65 8.33 24.51 -4.28
N GLN A 66 7.89 23.33 -3.82
CA GLN A 66 8.47 22.74 -2.62
C GLN A 66 9.92 22.33 -2.85
N THR A 67 10.22 21.77 -4.02
CA THR A 67 11.61 21.43 -4.34
C THR A 67 12.48 22.68 -4.38
N LEU A 68 11.98 23.77 -4.96
CA LEU A 68 12.75 25.00 -5.01
C LEU A 68 13.00 25.55 -3.61
N MET A 69 11.95 25.58 -2.77
CA MET A 69 12.10 26.12 -1.42
C MET A 69 12.99 25.23 -0.55
N ASN A 70 13.00 23.92 -0.80
CA ASN A 70 13.90 23.04 -0.07
C ASN A 70 15.34 23.19 -0.54
N SER A 71 15.54 23.46 -1.84
CA SER A 71 16.88 23.74 -2.33
C SER A 71 17.42 25.04 -1.78
N MET A 72 16.55 26.06 -1.65
CA MET A 72 16.98 27.33 -1.08
C MET A 72 17.28 27.19 0.40
N ASP A 73 16.31 26.75 1.18
CA ASP A 73 16.45 26.61 2.63
C ASP A 73 16.01 25.21 3.05
N PRO A 74 16.95 24.27 3.19
CA PRO A 74 16.55 22.92 3.61
C PRO A 74 15.94 22.86 4.99
N GLU A 75 16.23 23.83 5.86
CA GLU A 75 15.63 23.86 7.19
C GLU A 75 14.25 24.50 7.21
N SER A 76 13.71 24.89 6.06
CA SER A 76 12.40 25.53 5.99
C SER A 76 11.30 24.60 5.51
N THR A 77 11.61 23.63 4.66
CA THR A 77 10.60 22.72 4.13
C THR A 77 11.26 21.43 3.69
N PRO A 78 10.64 20.27 3.93
CA PRO A 78 11.24 19.01 3.51
C PRO A 78 11.17 18.85 2.00
N PRO A 79 12.00 17.99 1.42
CA PRO A 79 11.96 17.80 -0.03
C PRO A 79 10.78 16.96 -0.46
N THR A 80 10.50 17.00 -1.76
CA THR A 80 9.46 16.15 -2.33
C THR A 80 9.90 14.70 -2.31
N CYS A 81 8.92 13.80 -2.28
CA CYS A 81 9.16 12.37 -2.15
C CYS A 81 8.95 11.66 -3.47
N CYS A 82 9.70 10.58 -3.67
CA CYS A 82 9.57 9.75 -4.87
C CYS A 82 8.38 8.81 -4.69
N VAL A 83 7.35 9.00 -5.51
CA VAL A 83 6.11 8.25 -5.38
C VAL A 83 5.59 7.87 -6.77
N PRO A 84 4.75 6.84 -6.85
CA PRO A 84 4.16 6.45 -8.14
C PRO A 84 3.23 7.53 -8.66
N THR A 85 3.41 7.89 -9.93
CA THR A 85 2.58 8.89 -10.58
C THR A 85 1.55 8.28 -11.51
N ARG A 86 1.82 7.10 -12.07
CA ARG A 86 0.86 6.40 -12.91
C ARG A 86 0.92 4.92 -12.60
N LEU A 87 -0.24 4.30 -12.37
CA LEU A 87 -0.33 2.90 -12.01
C LEU A 87 -1.30 2.20 -12.95
N SER A 88 -1.05 0.90 -13.16
CA SER A 88 -1.88 0.11 -14.06
C SER A 88 -2.61 -0.99 -13.28
N PRO A 89 -3.83 -1.32 -13.66
CA PRO A 89 -4.60 -2.32 -12.92
C PRO A 89 -4.24 -3.73 -13.35
N ILE A 90 -4.56 -4.70 -12.47
CA ILE A 90 -4.42 -6.10 -12.79
C ILE A 90 -5.69 -6.84 -12.41
N SER A 91 -5.93 -7.96 -13.08
CA SER A 91 -7.11 -8.77 -12.83
C SER A 91 -6.81 -9.82 -11.77
N ILE A 92 -7.83 -10.15 -10.98
CA ILE A 92 -7.72 -11.14 -9.93
C ILE A 92 -8.98 -11.99 -9.93
N LEU A 93 -8.80 -13.31 -9.95
CA LEU A 93 -9.90 -14.27 -9.86
C LEU A 93 -9.91 -14.81 -8.44
N PHE A 94 -10.96 -14.50 -7.69
CA PHE A 94 -10.98 -14.83 -6.26
C PHE A 94 -12.38 -15.25 -5.84
N ILE A 95 -12.44 -15.96 -4.72
CA ILE A 95 -13.70 -16.37 -4.11
C ILE A 95 -14.17 -15.24 -3.20
N ASP A 96 -15.37 -14.72 -3.47
CA ASP A 96 -15.88 -13.56 -2.75
C ASP A 96 -16.49 -13.97 -1.41
N SER A 97 -17.32 -13.08 -0.85
CA SER A 97 -17.98 -13.33 0.43
C SER A 97 -19.18 -14.26 0.32
N ALA A 98 -19.55 -14.67 -0.89
CA ALA A 98 -20.71 -15.54 -1.09
C ALA A 98 -20.35 -16.79 -1.90
N ASN A 99 -19.07 -17.19 -1.85
CA ASN A 99 -18.59 -18.38 -2.56
C ASN A 99 -18.85 -18.27 -4.06
N ASN A 100 -18.73 -17.05 -4.60
CA ASN A 100 -18.86 -16.80 -6.03
C ASN A 100 -17.50 -16.44 -6.59
N VAL A 101 -17.09 -17.14 -7.65
CA VAL A 101 -15.79 -16.87 -8.27
C VAL A 101 -15.91 -15.58 -9.09
N VAL A 102 -15.20 -14.55 -8.65
CA VAL A 102 -15.29 -13.21 -9.23
C VAL A 102 -13.99 -12.89 -9.94
N TYR A 103 -14.09 -12.40 -11.17
CA TYR A 103 -12.96 -11.86 -11.92
C TYR A 103 -13.05 -10.34 -11.81
N LYS A 104 -12.23 -9.76 -10.95
CA LYS A 104 -12.30 -8.33 -10.66
C LYS A 104 -11.02 -7.64 -11.06
N GLN A 105 -11.15 -6.45 -11.66
CA GLN A 105 -10.01 -5.64 -12.05
C GLN A 105 -9.67 -4.69 -10.92
N TYR A 106 -8.57 -4.97 -10.21
CA TYR A 106 -8.09 -4.10 -9.15
C TYR A 106 -7.19 -3.02 -9.75
N GLU A 107 -7.52 -1.77 -9.47
CA GLU A 107 -6.77 -0.62 -9.97
C GLU A 107 -5.60 -0.30 -9.04
N ASP A 108 -4.64 0.43 -9.59
CA ASP A 108 -3.45 0.88 -8.86
C ASP A 108 -2.71 -0.31 -8.22
N MET A 109 -2.26 -1.21 -9.09
CA MET A 109 -1.58 -2.41 -8.65
C MET A 109 -0.15 -2.53 -9.14
N VAL A 110 0.20 -1.89 -10.26
CA VAL A 110 1.53 -1.98 -10.83
C VAL A 110 2.02 -0.57 -11.12
N VAL A 111 3.16 -0.20 -10.54
CA VAL A 111 3.75 1.12 -10.78
C VAL A 111 4.31 1.16 -12.19
N GLU A 112 3.85 2.13 -12.99
CA GLU A 112 4.32 2.29 -14.35
C GLU A 112 5.17 3.53 -14.55
N SER A 113 5.19 4.46 -13.59
CA SER A 113 6.02 5.65 -13.68
C SER A 113 6.14 6.26 -12.30
N CYS A 114 7.31 6.82 -12.00
CA CYS A 114 7.58 7.45 -10.72
C CYS A 114 7.76 8.96 -10.91
N GLY A 115 7.66 9.68 -9.81
CA GLY A 115 7.85 11.12 -9.86
C GLY A 115 8.00 11.70 -8.47
N CYS A 116 8.02 13.03 -8.41
CA CYS A 116 8.15 13.75 -7.17
C CYS A 116 6.87 14.52 -6.87
N ARG A 117 6.43 14.44 -5.62
CA ARG A 117 5.20 15.11 -5.21
C ARG A 117 5.38 15.84 -3.88
N GLN B 4 -20.83 -1.38 3.94
CA GLN B 4 -20.60 -2.81 3.80
C GLN B 4 -19.56 -3.31 4.79
N CYS B 5 -18.30 -3.33 4.36
CA CYS B 5 -17.21 -3.79 5.20
C CYS B 5 -16.84 -2.72 6.22
N ARG B 6 -16.33 -3.17 7.37
CA ARG B 6 -16.00 -2.29 8.48
C ARG B 6 -14.53 -2.43 8.88
N ILE B 7 -13.65 -2.58 7.88
CA ILE B 7 -12.23 -2.68 8.19
C ILE B 7 -11.63 -1.30 8.44
N GLN B 8 -12.11 -0.28 7.73
CA GLN B 8 -11.52 1.04 7.85
C GLN B 8 -11.79 1.65 9.21
N LYS B 9 -12.96 1.39 9.80
CA LYS B 9 -13.27 1.93 11.12
C LYS B 9 -12.36 1.34 12.18
N CYS B 10 -12.23 0.01 12.22
CA CYS B 10 -11.35 -0.63 13.17
C CYS B 10 -9.90 -0.20 12.96
N THR B 11 -9.49 -0.06 11.69
CA THR B 11 -8.13 0.35 11.39
C THR B 11 -7.86 1.76 11.90
N THR B 12 -8.78 2.69 11.63
CA THR B 12 -8.63 4.05 12.10
C THR B 12 -8.59 4.11 13.63
N ASP B 13 -9.46 3.35 14.29
CA ASP B 13 -9.45 3.33 15.75
C ASP B 13 -8.11 2.82 16.29
N PHE B 14 -7.64 1.69 15.77
CA PHE B 14 -6.40 1.10 16.28
C PHE B 14 -5.20 1.99 15.99
N VAL B 15 -5.18 2.66 14.83
CA VAL B 15 -4.05 3.52 14.50
C VAL B 15 -4.08 4.78 15.37
N SER B 16 -5.22 5.47 15.41
CA SER B 16 -5.34 6.70 16.17
C SER B 16 -5.19 6.47 17.67
N LEU B 17 -5.37 5.24 18.15
CA LEU B 17 -5.09 4.94 19.54
C LEU B 17 -3.60 5.08 19.83
N THR B 18 -2.76 4.36 19.10
CA THR B 18 -1.32 4.39 19.31
C THR B 18 -0.69 5.49 18.45
N SER B 19 -0.90 6.73 18.89
CA SER B 19 -0.37 7.89 18.20
C SER B 19 0.42 8.78 19.14
N CYS B 33 1.27 -6.04 22.59
CA CYS B 33 0.11 -6.91 22.45
C CYS B 33 -1.04 -6.42 23.32
N LYS B 34 -1.04 -5.13 23.61
CA LYS B 34 -2.08 -4.53 24.45
C LYS B 34 -3.43 -4.56 23.74
N ALA B 35 -3.62 -3.68 22.77
CA ALA B 35 -4.86 -3.59 22.01
C ALA B 35 -4.80 -4.32 20.68
N LEU B 36 -3.73 -5.09 20.44
CA LEU B 36 -3.64 -5.87 19.21
C LEU B 36 -4.73 -6.93 19.17
N ARG B 37 -5.03 -7.55 20.32
CA ARG B 37 -6.12 -8.52 20.37
C ARG B 37 -7.48 -7.85 20.13
N ALA B 38 -7.66 -6.63 20.66
CA ALA B 38 -8.91 -5.92 20.42
C ALA B 38 -9.07 -5.57 18.95
N TYR B 39 -7.98 -5.15 18.29
CA TYR B 39 -8.05 -4.84 16.87
C TYR B 39 -8.30 -6.11 16.04
N ALA B 40 -7.67 -7.22 16.43
CA ALA B 40 -7.92 -8.50 15.76
C ALA B 40 -9.38 -8.91 15.89
N GLY B 41 -9.96 -8.71 17.06
CA GLY B 41 -11.38 -9.00 17.23
C GLY B 41 -12.27 -8.07 16.42
N CYS B 42 -11.90 -6.79 16.36
CA CYS B 42 -12.66 -5.84 15.56
C CYS B 42 -12.65 -6.22 14.08
N THR B 43 -11.51 -6.74 13.61
CA THR B 43 -11.43 -7.20 12.22
C THR B 43 -12.14 -8.54 12.04
N GLN B 44 -12.15 -9.40 13.06
CA GLN B 44 -12.78 -10.71 12.95
C GLN B 44 -14.30 -10.62 12.99
N ARG B 45 -14.84 -9.60 13.65
CA ARG B 45 -16.30 -9.44 13.69
C ARG B 45 -16.88 -9.16 12.32
N THR B 46 -16.05 -8.77 11.35
CA THR B 46 -16.46 -8.55 9.97
C THR B 46 -15.64 -9.41 9.01
N SER B 47 -15.35 -10.65 9.44
CA SER B 47 -14.50 -11.52 8.63
C SER B 47 -15.23 -12.04 7.40
N LYS B 48 -16.56 -12.17 7.47
CA LYS B 48 -17.31 -12.72 6.35
C LYS B 48 -17.59 -11.66 5.28
N ALA B 49 -18.02 -10.48 5.71
CA ALA B 49 -18.41 -9.41 4.79
C ALA B 49 -17.23 -8.68 4.18
N CYS B 50 -15.99 -9.03 4.55
CA CYS B 50 -14.81 -8.37 4.01
C CYS B 50 -13.88 -9.33 3.28
N ARG B 51 -14.39 -10.50 2.88
CA ARG B 51 -13.61 -11.48 2.13
C ARG B 51 -13.48 -11.01 0.69
N GLY B 52 -12.36 -10.36 0.39
CA GLY B 52 -12.13 -9.85 -0.95
C GLY B 52 -11.42 -8.51 -0.96
N ASN B 53 -11.62 -7.73 0.09
CA ASN B 53 -10.97 -6.42 0.20
C ASN B 53 -9.52 -6.60 0.59
N LEU B 54 -8.63 -5.90 -0.13
CA LEU B 54 -7.20 -5.99 0.15
C LEU B 54 -6.85 -5.39 1.50
N VAL B 55 -7.59 -4.37 1.94
CA VAL B 55 -7.29 -3.72 3.21
C VAL B 55 -7.51 -4.67 4.37
N TYR B 56 -8.59 -5.45 4.32
CA TYR B 56 -8.89 -6.38 5.42
C TYR B 56 -7.82 -7.47 5.53
N HIS B 57 -7.47 -8.09 4.40
CA HIS B 57 -6.46 -9.14 4.43
C HIS B 57 -5.10 -8.58 4.82
N SER B 58 -4.78 -7.37 4.37
CA SER B 58 -3.53 -6.74 4.78
C SER B 58 -3.50 -6.49 6.28
N ALA B 59 -4.62 -6.01 6.84
CA ALA B 59 -4.68 -5.79 8.28
C ALA B 59 -4.55 -7.10 9.04
N VAL B 60 -5.17 -8.18 8.54
CA VAL B 60 -5.07 -9.47 9.21
C VAL B 60 -3.64 -9.97 9.19
N LEU B 61 -2.97 -9.86 8.04
CA LEU B 61 -1.58 -10.32 7.95
C LEU B 61 -0.66 -9.48 8.82
N GLY B 62 -0.91 -8.17 8.89
CA GLY B 62 -0.11 -7.33 9.76
C GLY B 62 -0.32 -7.64 11.23
N ILE B 63 -1.57 -7.94 11.62
CA ILE B 63 -1.85 -8.36 12.98
C ILE B 63 -1.11 -9.65 13.30
N SER B 64 -1.13 -10.61 12.36
CA SER B 64 -0.41 -11.86 12.59
C SER B 64 1.10 -11.62 12.72
N ASP B 65 1.65 -10.74 11.89
CA ASP B 65 3.08 -10.44 11.96
C ASP B 65 3.43 -9.77 13.28
N LEU B 66 2.59 -8.85 13.75
CA LEU B 66 2.85 -8.19 15.03
C LEU B 66 2.70 -9.15 16.20
N MET B 67 1.78 -10.11 16.10
CA MET B 67 1.67 -11.13 17.14
C MET B 67 2.89 -12.03 17.16
N SER B 68 3.40 -12.41 15.99
CA SER B 68 4.57 -13.28 15.91
C SER B 68 5.86 -12.54 16.22
N GLN B 69 5.87 -11.21 16.15
CA GLN B 69 7.07 -10.44 16.40
C GLN B 69 7.26 -10.09 17.87
N ARG B 70 6.17 -9.78 18.57
CA ARG B 70 6.24 -9.39 19.98
C ARG B 70 6.23 -10.56 20.94
N ASN B 71 6.26 -11.80 20.42
CA ASN B 71 6.30 -13.01 21.23
C ASN B 71 5.11 -13.07 22.18
N CYS B 72 3.92 -13.15 21.59
CA CYS B 72 2.68 -13.25 22.36
C CYS B 72 1.58 -13.94 21.55
#